data_4MGB
#
_entry.id   4MGB
#
_cell.length_a   54.670
_cell.length_b   81.550
_cell.length_c   58.720
_cell.angle_alpha   90.00
_cell.angle_beta   110.32
_cell.angle_gamma   90.00
#
_symmetry.space_group_name_H-M   'P 1 21 1'
#
loop_
_entity.id
_entity.type
_entity.pdbx_description
1 polymer 'Estrogen receptor'
2 polymer 'Estrogen receptor'
3 polymer 'Nuclear receptor coactivator 1'
4 non-polymer "4,4'-propane-2,2-diylbis(2,6-dichlorophenol)"
5 non-polymer GLYCEROL
6 water water
#
loop_
_entity_poly.entity_id
_entity_poly.type
_entity_poly.pdbx_seq_one_letter_code
_entity_poly.pdbx_strand_id
1 'polypeptide(L)'
;GSHMKKNSLALSLTADQMVSALLDAEPPILYSEYDPTRPFSEASMMGLLTNLADRELVHMINWAKRVPGFVDLTLHDQVH
LLE(CSO)AWLEILMIGLVWRSMEHPGKLLFAPNLLLDRNQGKCVEGMVEIFDMLLATSSRFRMMNLQGEEFVCLKSIIL
LNSGVYTFLSSTLKSLEEKDHIHRVLDKITDTLIHLMAKAGLTLQQQHQRLAQLLLILSHIRHMSNKGMEHLYSMKCKNV
VPLSDLLLEMLDAHRLHAP
;
A
2 'polypeptide(L)'
;GSHMKKNSLALSLTADQMVSALLDAEPPILYSEYDPTRPFSEASMMGLLTNLADRELVHMINWAKRVPGFVDLTLHDQVH
LLE(CSO)AWLEILMIGLVWRSMEHPGKLLFAPNLLLDRNQGKCVEGMVEIFDMLLATSSRFRMMNLQGEEFVCLKSIIL
LNSGVYTFLSSTLKSLEEKDHIHRVLDKITDTLIHLMAKAGLTLQQQHQRLAQLLLILSHIRHMSNKGMEHLYSMK
(CSO)KNVVPLSDLLLEMLDAHRLHAP
;
B
3 'polypeptide(L)' RHKILHRLLQEGS C,D
#
# COMPACT_ATOMS: atom_id res chain seq x y z
N SER A 8 -20.01 -21.92 -5.47
CA SER A 8 -19.17 -20.93 -6.13
C SER A 8 -18.22 -21.60 -7.13
N LEU A 9 -18.36 -21.22 -8.40
CA LEU A 9 -17.46 -21.72 -9.43
C LEU A 9 -16.05 -21.19 -9.19
N ALA A 10 -15.98 -19.98 -8.63
CA ALA A 10 -14.71 -19.31 -8.37
C ALA A 10 -13.76 -20.17 -7.55
N LEU A 11 -14.22 -20.64 -6.40
CA LEU A 11 -13.38 -21.42 -5.49
C LEU A 11 -13.08 -22.81 -6.05
N SER A 12 -13.74 -23.18 -7.14
CA SER A 12 -13.60 -24.51 -7.71
C SER A 12 -12.61 -24.55 -8.87
N LEU A 13 -12.12 -23.40 -9.29
CA LEU A 13 -11.23 -23.31 -10.44
C LEU A 13 -9.81 -23.79 -10.13
N THR A 14 -9.17 -24.41 -11.11
CA THR A 14 -7.77 -24.81 -10.99
C THR A 14 -6.86 -23.66 -11.38
N ALA A 15 -5.59 -23.74 -10.96
CA ALA A 15 -4.62 -22.70 -11.31
C ALA A 15 -4.69 -22.33 -12.78
N ASP A 16 -4.62 -23.33 -13.65
CA ASP A 16 -4.65 -23.09 -15.08
C ASP A 16 -5.95 -22.44 -15.50
N GLN A 17 -7.05 -22.88 -14.90
CA GLN A 17 -8.37 -22.33 -15.21
C GLN A 17 -8.48 -20.87 -14.77
N MET A 18 -7.89 -20.55 -13.61
CA MET A 18 -7.90 -19.18 -13.13
C MET A 18 -7.13 -18.28 -14.09
N VAL A 19 -5.93 -18.71 -14.47
CA VAL A 19 -5.10 -17.99 -15.43
C VAL A 19 -5.86 -17.75 -16.74
N SER A 20 -6.45 -18.80 -17.30
CA SER A 20 -7.18 -18.66 -18.55
C SER A 20 -8.37 -17.72 -18.40
N ALA A 21 -9.06 -17.79 -17.26
CA ALA A 21 -10.21 -16.94 -17.01
C ALA A 21 -9.82 -15.46 -16.98
N LEU A 22 -8.73 -15.15 -16.28
CA LEU A 22 -8.27 -13.78 -16.15
C LEU A 22 -7.73 -13.24 -17.46
N LEU A 23 -7.01 -14.08 -18.21
CA LEU A 23 -6.50 -13.66 -19.51
C LEU A 23 -7.66 -13.38 -20.46
N ASP A 24 -8.70 -14.20 -20.37
CA ASP A 24 -9.89 -14.07 -21.19
C ASP A 24 -10.64 -12.75 -20.95
N ALA A 25 -10.57 -12.26 -19.73
CA ALA A 25 -11.35 -11.10 -19.32
C ALA A 25 -10.62 -9.79 -19.56
N GLU A 26 -9.37 -9.87 -19.98
CA GLU A 26 -8.56 -8.68 -20.19
C GLU A 26 -9.29 -7.67 -21.07
N PRO A 27 -9.40 -6.41 -20.60
CA PRO A 27 -10.02 -5.37 -21.43
C PRO A 27 -9.11 -4.99 -22.60
N PRO A 28 -9.67 -4.30 -23.61
CA PRO A 28 -8.88 -3.89 -24.77
C PRO A 28 -8.03 -2.66 -24.49
N ILE A 29 -7.04 -2.41 -25.35
CA ILE A 29 -6.26 -1.19 -25.27
C ILE A 29 -6.93 -0.14 -26.15
N LEU A 30 -7.24 1.01 -25.58
CA LEU A 30 -7.98 2.04 -26.32
C LEU A 30 -7.06 3.13 -26.87
N TYR A 31 -7.57 3.90 -27.82
CA TYR A 31 -6.80 5.00 -28.41
C TYR A 31 -7.24 6.33 -27.84
N SER A 32 -6.30 7.27 -27.76
CA SER A 32 -6.63 8.62 -27.32
C SER A 32 -7.10 9.43 -28.53
N GLU A 33 -7.42 10.70 -28.30
CA GLU A 33 -7.79 11.60 -29.38
C GLU A 33 -6.56 12.40 -29.79
N TYR A 34 -5.40 12.00 -29.27
CA TYR A 34 -4.17 12.74 -29.53
C TYR A 34 -3.90 12.96 -31.01
N ASP A 35 -3.60 14.20 -31.36
CA ASP A 35 -3.25 14.56 -32.72
C ASP A 35 -1.94 15.33 -32.70
N PRO A 36 -0.87 14.71 -33.24
CA PRO A 36 0.47 15.28 -33.18
C PRO A 36 0.53 16.69 -33.76
N THR A 37 -0.25 16.95 -34.80
CA THR A 37 -0.26 18.25 -35.43
C THR A 37 -0.94 19.29 -34.55
N ARG A 38 -1.92 18.86 -33.77
CA ARG A 38 -2.70 19.76 -32.93
C ARG A 38 -1.94 20.18 -31.67
N PRO A 39 -1.96 21.49 -31.35
CA PRO A 39 -1.27 22.04 -30.18
C PRO A 39 -1.94 21.61 -28.89
N PHE A 40 -1.13 21.37 -27.85
CA PHE A 40 -1.67 20.95 -26.56
C PHE A 40 -1.14 21.82 -25.42
N SER A 41 -2.05 22.38 -24.64
CA SER A 41 -1.67 23.08 -23.43
C SER A 41 -1.53 22.06 -22.32
N GLU A 42 -1.50 22.54 -21.07
CA GLU A 42 -1.51 21.66 -19.92
C GLU A 42 -2.91 21.08 -19.77
N ALA A 43 -3.91 21.92 -20.01
CA ALA A 43 -5.31 21.50 -19.93
C ALA A 43 -5.60 20.35 -20.89
N SER A 44 -5.61 20.67 -22.18
CA SER A 44 -5.96 19.70 -23.23
C SER A 44 -5.23 18.36 -23.09
N MET A 45 -3.93 18.42 -22.76
CA MET A 45 -3.17 17.20 -22.52
C MET A 45 -3.84 16.38 -21.41
N MET A 46 -4.29 17.08 -20.37
CA MET A 46 -5.01 16.43 -19.27
C MET A 46 -6.42 16.04 -19.72
N GLY A 47 -6.97 16.80 -20.67
CA GLY A 47 -8.26 16.48 -21.24
C GLY A 47 -8.22 15.19 -22.02
N LEU A 48 -7.09 14.93 -22.68
CA LEU A 48 -6.87 13.67 -23.38
C LEU A 48 -6.82 12.50 -22.40
N LEU A 49 -6.13 12.72 -21.27
CA LEU A 49 -5.95 11.66 -20.30
C LEU A 49 -7.25 11.35 -19.55
N THR A 50 -7.99 12.39 -19.18
CA THR A 50 -9.23 12.18 -18.44
C THR A 50 -10.30 11.57 -19.36
N ASN A 51 -10.27 11.94 -20.64
CA ASN A 51 -11.18 11.37 -21.62
C ASN A 51 -10.92 9.88 -21.76
N LEU A 52 -9.65 9.53 -21.89
CA LEU A 52 -9.20 8.15 -21.99
C LEU A 52 -9.56 7.35 -20.73
N ALA A 53 -9.21 7.87 -19.57
CA ALA A 53 -9.52 7.21 -18.30
C ALA A 53 -11.01 6.91 -18.18
N ASP A 54 -11.84 7.90 -18.50
CA ASP A 54 -13.28 7.75 -18.47
C ASP A 54 -13.76 6.56 -19.31
N ARG A 55 -13.26 6.46 -20.54
CA ARG A 55 -13.61 5.33 -21.38
C ARG A 55 -13.07 4.01 -20.82
N GLU A 56 -11.84 4.04 -20.31
CA GLU A 56 -11.24 2.84 -19.73
C GLU A 56 -12.03 2.34 -18.53
N LEU A 57 -12.60 3.27 -17.76
CA LEU A 57 -13.38 2.89 -16.59
C LEU A 57 -14.59 2.02 -16.92
N VAL A 58 -15.24 2.31 -18.04
CA VAL A 58 -16.39 1.52 -18.43
C VAL A 58 -15.97 0.08 -18.68
N HIS A 59 -14.85 -0.08 -19.38
CA HIS A 59 -14.31 -1.41 -19.65
C HIS A 59 -13.87 -2.11 -18.38
N MET A 60 -13.30 -1.34 -17.45
CA MET A 60 -12.84 -1.92 -16.19
C MET A 60 -14.01 -2.48 -15.42
N ILE A 61 -15.10 -1.71 -15.40
CA ILE A 61 -16.29 -2.10 -14.67
C ILE A 61 -16.79 -3.44 -15.21
N ASN A 62 -16.78 -3.58 -16.52
CA ASN A 62 -17.22 -4.82 -17.13
C ASN A 62 -16.19 -5.94 -16.99
N TRP A 63 -14.92 -5.58 -16.90
CA TRP A 63 -13.87 -6.55 -16.61
C TRP A 63 -14.04 -7.14 -15.20
N ALA A 64 -14.37 -6.28 -14.24
CA ALA A 64 -14.50 -6.70 -12.85
C ALA A 64 -15.53 -7.81 -12.71
N LYS A 65 -16.60 -7.73 -13.50
CA LYS A 65 -17.67 -8.72 -13.47
C LYS A 65 -17.16 -10.11 -13.86
N ARG A 66 -16.06 -10.16 -14.59
CA ARG A 66 -15.52 -11.41 -15.09
C ARG A 66 -14.41 -11.98 -14.21
N VAL A 67 -14.07 -11.26 -13.16
CA VAL A 67 -13.10 -11.74 -12.19
C VAL A 67 -13.78 -12.72 -11.25
N PRO A 68 -13.30 -13.98 -11.24
CA PRO A 68 -13.91 -15.04 -10.43
C PRO A 68 -14.21 -14.59 -9.01
N GLY A 69 -15.49 -14.66 -8.62
CA GLY A 69 -15.90 -14.36 -7.27
C GLY A 69 -16.49 -12.97 -7.08
N PHE A 70 -16.15 -12.06 -7.98
CA PHE A 70 -16.58 -10.67 -7.85
C PHE A 70 -18.09 -10.52 -7.85
N VAL A 71 -18.77 -11.23 -8.74
CA VAL A 71 -20.22 -11.12 -8.86
C VAL A 71 -20.97 -11.81 -7.71
N ASP A 72 -20.24 -12.63 -6.94
CA ASP A 72 -20.82 -13.26 -5.77
C ASP A 72 -21.18 -12.23 -4.72
N LEU A 73 -20.46 -11.10 -4.73
CA LEU A 73 -20.64 -10.05 -3.73
C LEU A 73 -21.88 -9.22 -3.99
N THR A 74 -22.37 -8.56 -2.94
CA THR A 74 -23.50 -7.65 -3.09
C THR A 74 -23.11 -6.48 -3.98
N LEU A 75 -24.11 -5.88 -4.63
CA LEU A 75 -23.87 -4.69 -5.43
C LEU A 75 -23.13 -3.65 -4.59
N HIS A 76 -23.53 -3.54 -3.32
CA HIS A 76 -22.92 -2.58 -2.40
C HIS A 76 -21.42 -2.81 -2.27
N ASP A 77 -21.04 -4.08 -2.12
CA ASP A 77 -19.64 -4.44 -1.97
C ASP A 77 -18.86 -4.29 -3.27
N GLN A 78 -19.51 -4.57 -4.39
CA GLN A 78 -18.88 -4.41 -5.70
C GLN A 78 -18.56 -2.94 -5.94
N VAL A 79 -19.51 -2.08 -5.60
CA VAL A 79 -19.34 -0.63 -5.72
C VAL A 79 -18.16 -0.17 -4.88
N HIS A 80 -18.09 -0.65 -3.65
CA HIS A 80 -17.03 -0.28 -2.73
C HIS A 80 -15.64 -0.64 -3.25
N LEU A 81 -15.42 -1.91 -3.55
CA LEU A 81 -14.15 -2.38 -4.11
C LEU A 81 -13.67 -1.56 -5.31
N LEU A 82 -14.57 -1.28 -6.25
CA LEU A 82 -14.20 -0.52 -7.44
C LEU A 82 -13.91 0.94 -7.10
N GLU A 83 -14.76 1.54 -6.27
CA GLU A 83 -14.49 2.89 -5.81
C GLU A 83 -13.11 2.98 -5.16
N ALA A 85 -10.48 0.73 -5.60
CA ALA A 85 -9.37 0.24 -6.42
C ALA A 85 -9.19 0.86 -7.81
N TRP A 86 -10.11 1.69 -8.27
CA TRP A 86 -10.13 2.05 -9.69
C TRP A 86 -8.82 2.64 -10.22
N LEU A 87 -8.21 3.54 -9.46
CA LEU A 87 -6.99 4.19 -9.93
C LEU A 87 -5.80 3.24 -9.85
N GLU A 88 -5.72 2.43 -8.79
CA GLU A 88 -4.67 1.41 -8.72
C GLU A 88 -4.75 0.50 -9.93
N ILE A 89 -5.97 0.15 -10.32
CA ILE A 89 -6.16 -0.74 -11.45
C ILE A 89 -5.76 -0.09 -12.77
N LEU A 90 -6.17 1.15 -13.00
CA LEU A 90 -5.72 1.89 -14.19
C LEU A 90 -4.20 1.98 -14.19
N MET A 91 -3.63 2.32 -13.05
CA MET A 91 -2.18 2.49 -12.94
C MET A 91 -1.37 1.23 -13.20
N ILE A 92 -1.81 0.09 -12.67
CA ILE A 92 -1.04 -1.13 -12.90
C ILE A 92 -1.10 -1.54 -14.39
N GLY A 93 -2.25 -1.32 -15.02
CA GLY A 93 -2.39 -1.58 -16.44
C GLY A 93 -1.48 -0.68 -17.27
N LEU A 94 -1.40 0.58 -16.89
CA LEU A 94 -0.55 1.54 -17.57
C LEU A 94 0.91 1.13 -17.44
N VAL A 95 1.31 0.81 -16.23
CA VAL A 95 2.68 0.38 -15.95
C VAL A 95 3.00 -0.90 -16.74
N TRP A 96 2.04 -1.81 -16.81
CA TRP A 96 2.22 -3.03 -17.60
C TRP A 96 2.45 -2.73 -19.08
N ARG A 97 1.59 -1.87 -19.65
CA ARG A 97 1.67 -1.53 -21.07
C ARG A 97 2.96 -0.80 -21.42
N SER A 98 3.52 -0.11 -20.43
CA SER A 98 4.67 0.75 -20.65
C SER A 98 5.99 -0.01 -20.42
N MET A 99 5.88 -1.28 -20.06
CA MET A 99 7.05 -2.05 -19.65
C MET A 99 8.15 -2.03 -20.71
N GLU A 100 7.75 -2.14 -21.97
CA GLU A 100 8.69 -2.24 -23.07
C GLU A 100 9.08 -0.89 -23.67
N HIS A 101 8.72 0.18 -22.96
CA HIS A 101 9.06 1.52 -23.41
C HIS A 101 9.78 2.28 -22.31
N PRO A 102 11.06 1.95 -22.09
CA PRO A 102 11.85 2.59 -21.04
C PRO A 102 11.72 4.11 -21.09
N GLY A 103 11.45 4.72 -19.93
CA GLY A 103 11.38 6.16 -19.83
C GLY A 103 10.10 6.78 -20.37
N LYS A 104 9.18 5.95 -20.84
CA LYS A 104 7.92 6.46 -21.37
C LYS A 104 6.71 5.73 -20.79
N LEU A 105 5.55 6.39 -20.88
CA LEU A 105 4.30 5.81 -20.42
C LEU A 105 3.34 5.70 -21.60
N LEU A 106 2.90 4.48 -21.88
CA LEU A 106 2.01 4.22 -23.01
C LEU A 106 0.54 4.28 -22.57
N PHE A 107 -0.01 5.50 -22.52
CA PHE A 107 -1.40 5.67 -22.15
C PHE A 107 -2.29 5.07 -23.23
N ALA A 108 -1.79 5.12 -24.46
CA ALA A 108 -2.48 4.54 -25.60
C ALA A 108 -1.46 4.29 -26.71
N PRO A 109 -1.79 3.39 -27.65
CA PRO A 109 -0.86 3.10 -28.75
C PRO A 109 -0.40 4.37 -29.45
N ASN A 110 -1.26 5.37 -29.48
CA ASN A 110 -0.97 6.62 -30.19
C ASN A 110 -0.63 7.77 -29.24
N LEU A 111 -0.45 7.45 -27.96
CA LEU A 111 -0.10 8.47 -26.98
C LEU A 111 0.96 7.95 -26.02
N LEU A 112 2.21 8.10 -26.41
CA LEU A 112 3.33 7.64 -25.62
C LEU A 112 4.09 8.84 -25.07
N LEU A 113 3.91 9.11 -23.78
CA LEU A 113 4.48 10.30 -23.15
C LEU A 113 5.71 10.00 -22.31
N ASP A 114 6.61 10.96 -22.20
CA ASP A 114 7.74 10.86 -21.28
C ASP A 114 7.61 11.92 -20.19
N ARG A 115 8.48 11.87 -19.20
CA ARG A 115 8.36 12.76 -18.05
C ARG A 115 8.41 14.22 -18.46
N ASN A 116 9.14 14.51 -19.53
CA ASN A 116 9.23 15.87 -20.04
C ASN A 116 7.84 16.47 -20.22
N GLN A 117 6.98 15.74 -20.94
CA GLN A 117 5.59 16.16 -21.10
C GLN A 117 4.81 15.99 -19.81
N GLY A 118 5.46 16.33 -18.69
CA GLY A 118 4.79 16.37 -17.40
C GLY A 118 4.51 17.81 -17.06
N LYS A 119 3.26 18.22 -17.20
CA LYS A 119 2.86 19.60 -16.99
C LYS A 119 1.49 19.71 -16.36
N GLU A 122 -0.29 21.05 -13.67
CA GLU A 122 1.01 20.86 -13.05
C GLU A 122 0.92 19.85 -11.90
N GLY A 123 2.06 19.31 -11.49
CA GLY A 123 2.11 18.34 -10.41
C GLY A 123 2.05 16.91 -10.89
N MET A 124 1.81 16.72 -12.18
CA MET A 124 1.69 15.39 -12.76
C MET A 124 3.05 14.73 -12.92
N VAL A 125 4.10 15.54 -12.90
CA VAL A 125 5.45 15.03 -13.11
C VAL A 125 5.87 14.07 -11.99
N GLU A 126 5.47 14.38 -10.76
CA GLU A 126 5.77 13.52 -9.62
C GLU A 126 5.15 12.13 -9.81
N ILE A 127 3.90 12.11 -10.25
CA ILE A 127 3.19 10.86 -10.45
C ILE A 127 3.74 10.09 -11.64
N PHE A 128 4.03 10.79 -12.73
CA PHE A 128 4.72 10.21 -13.87
C PHE A 128 6.00 9.49 -13.43
N ASP A 129 6.80 10.17 -12.61
CA ASP A 129 8.06 9.61 -12.12
C ASP A 129 7.87 8.30 -11.36
N MET A 130 6.83 8.23 -10.53
CA MET A 130 6.56 7.01 -9.78
C MET A 130 6.11 5.86 -10.69
N LEU A 131 5.22 6.17 -11.63
CA LEU A 131 4.77 5.19 -12.60
C LEU A 131 5.94 4.64 -13.42
N LEU A 132 6.81 5.53 -13.86
CA LEU A 132 8.01 5.14 -14.60
C LEU A 132 8.89 4.22 -13.75
N ALA A 133 9.09 4.60 -12.50
CA ALA A 133 9.87 3.80 -11.58
C ALA A 133 9.27 2.40 -11.41
N THR A 134 7.93 2.33 -11.37
CA THR A 134 7.26 1.05 -11.22
C THR A 134 7.44 0.21 -12.48
N SER A 135 7.36 0.85 -13.64
CA SER A 135 7.56 0.15 -14.90
CA SER A 135 7.56 0.13 -14.89
C SER A 135 8.99 -0.42 -14.93
N SER A 136 9.95 0.40 -14.55
CA SER A 136 11.34 -0.02 -14.46
C SER A 136 11.48 -1.27 -13.59
N ARG A 137 10.75 -1.28 -12.48
CA ARG A 137 10.77 -2.43 -11.57
C ARG A 137 10.18 -3.68 -12.21
N PHE A 138 9.05 -3.53 -12.91
CA PHE A 138 8.44 -4.63 -13.65
C PHE A 138 9.47 -5.21 -14.63
N ARG A 139 10.19 -4.31 -15.30
CA ARG A 139 11.23 -4.68 -16.24
C ARG A 139 12.36 -5.42 -15.54
N MET A 140 12.82 -4.88 -14.40
CA MET A 140 13.87 -5.51 -13.62
C MET A 140 13.51 -6.94 -13.23
N MET A 141 12.25 -7.14 -12.84
CA MET A 141 11.76 -8.45 -12.43
C MET A 141 11.36 -9.34 -13.60
N ASN A 142 11.29 -8.75 -14.78
CA ASN A 142 10.79 -9.47 -15.95
C ASN A 142 9.39 -10.01 -15.68
N LEU A 143 8.49 -9.13 -15.25
CA LEU A 143 7.12 -9.51 -14.97
C LEU A 143 6.43 -10.17 -16.17
N GLN A 144 5.70 -11.25 -15.89
CA GLN A 144 5.00 -11.99 -16.93
C GLN A 144 3.52 -11.64 -16.97
N GLY A 145 2.93 -11.76 -18.16
CA GLY A 145 1.52 -11.46 -18.35
C GLY A 145 0.60 -12.25 -17.43
N GLU A 146 0.94 -13.52 -17.20
CA GLU A 146 0.17 -14.36 -16.30
C GLU A 146 0.25 -13.83 -14.86
N GLU A 147 1.42 -13.33 -14.48
CA GLU A 147 1.61 -12.75 -13.15
C GLU A 147 0.85 -11.43 -13.03
N PHE A 148 0.89 -10.64 -14.11
CA PHE A 148 0.21 -9.35 -14.14
C PHE A 148 -1.30 -9.45 -13.92
N VAL A 149 -1.98 -10.34 -14.64
CA VAL A 149 -3.43 -10.48 -14.46
C VAL A 149 -3.81 -10.94 -13.06
N CYS A 150 -2.98 -11.79 -12.46
CA CYS A 150 -3.18 -12.18 -11.08
C CYS A 150 -3.07 -10.98 -10.14
N LEU A 151 -2.03 -10.18 -10.33
CA LEU A 151 -1.83 -9.01 -9.48
C LEU A 151 -3.01 -8.03 -9.60
N LYS A 152 -3.53 -7.86 -10.80
CA LYS A 152 -4.59 -6.87 -11.02
C LYS A 152 -5.88 -7.29 -10.31
N SER A 153 -6.19 -8.58 -10.36
CA SER A 153 -7.34 -9.12 -9.66
C SER A 153 -7.17 -9.05 -8.14
N ILE A 154 -5.95 -9.28 -7.66
CA ILE A 154 -5.66 -9.12 -6.24
C ILE A 154 -5.95 -7.69 -5.79
N ILE A 155 -5.61 -6.71 -6.60
CA ILE A 155 -5.88 -5.31 -6.27
C ILE A 155 -7.38 -5.04 -6.12
N LEU A 156 -8.16 -5.49 -7.09
CA LEU A 156 -9.61 -5.33 -7.04
C LEU A 156 -10.19 -5.90 -5.75
N LEU A 157 -9.75 -7.09 -5.39
CA LEU A 157 -10.33 -7.80 -4.26
C LEU A 157 -9.79 -7.31 -2.92
N ASN A 158 -8.51 -6.94 -2.89
CA ASN A 158 -7.83 -6.61 -1.63
C ASN A 158 -7.99 -5.16 -1.16
N SER A 159 -7.91 -4.21 -2.08
CA SER A 159 -7.74 -2.82 -1.66
C SER A 159 -8.83 -2.29 -0.73
N GLY A 160 -10.08 -2.68 -0.96
CA GLY A 160 -11.18 -2.19 -0.16
C GLY A 160 -11.73 -3.15 0.89
N VAL A 161 -11.10 -4.31 1.04
CA VAL A 161 -11.68 -5.38 1.86
C VAL A 161 -11.62 -5.14 3.39
N TYR A 162 -10.81 -4.19 3.84
CA TYR A 162 -10.74 -3.91 5.27
CA TYR A 162 -10.70 -3.88 5.27
C TYR A 162 -11.42 -2.59 5.63
N THR A 163 -12.12 -2.02 4.65
CA THR A 163 -12.84 -0.76 4.86
C THR A 163 -14.32 -0.88 4.51
N PHE A 164 -14.84 -2.11 4.55
CA PHE A 164 -16.26 -2.36 4.32
C PHE A 164 -17.10 -1.69 5.40
N SER A 167 -21.81 -3.42 9.63
CA SER A 167 -22.89 -4.41 9.70
C SER A 167 -22.70 -5.32 10.91
N THR A 168 -23.40 -6.45 10.91
CA THR A 168 -23.32 -7.40 12.01
C THR A 168 -22.35 -8.53 11.69
N LEU A 169 -22.55 -9.68 12.36
CA LEU A 169 -21.72 -10.85 12.13
C LEU A 169 -21.81 -11.31 10.67
N LYS A 170 -22.99 -11.18 10.09
CA LYS A 170 -23.16 -11.42 8.66
C LYS A 170 -22.75 -10.14 7.93
N SER A 171 -22.32 -10.31 6.68
CA SER A 171 -21.61 -9.25 5.94
C SER A 171 -20.14 -9.31 6.32
N LEU A 172 -19.81 -10.27 7.18
CA LEU A 172 -18.44 -10.60 7.50
C LEU A 172 -18.10 -11.90 6.78
N GLU A 173 -19.14 -12.64 6.40
CA GLU A 173 -19.00 -13.81 5.55
C GLU A 173 -18.68 -13.34 4.14
N GLU A 174 -19.11 -12.12 3.83
CA GLU A 174 -18.76 -11.49 2.57
C GLU A 174 -17.24 -11.38 2.48
N LYS A 175 -16.61 -11.00 3.59
CA LYS A 175 -15.17 -10.84 3.64
C LYS A 175 -14.42 -12.16 3.56
N ASP A 176 -14.93 -13.18 4.25
CA ASP A 176 -14.28 -14.49 4.23
C ASP A 176 -14.20 -15.08 2.82
N HIS A 177 -15.25 -14.86 2.04
CA HIS A 177 -15.27 -15.33 0.66
C HIS A 177 -14.16 -14.65 -0.16
N ILE A 178 -14.01 -13.35 0.04
CA ILE A 178 -12.97 -12.60 -0.66
C ILE A 178 -11.59 -13.16 -0.32
N HIS A 179 -11.36 -13.44 0.96
CA HIS A 179 -10.07 -13.97 1.38
C HIS A 179 -9.78 -15.34 0.79
N ARG A 180 -10.82 -16.15 0.56
CA ARG A 180 -10.64 -17.46 -0.04
C ARG A 180 -10.28 -17.36 -1.53
N VAL A 181 -10.90 -16.42 -2.23
CA VAL A 181 -10.54 -16.15 -3.60
C VAL A 181 -9.10 -15.64 -3.70
N LEU A 182 -8.76 -14.69 -2.83
CA LEU A 182 -7.39 -14.18 -2.75
C LEU A 182 -6.38 -15.31 -2.58
N ASP A 183 -6.68 -16.24 -1.67
CA ASP A 183 -5.80 -17.39 -1.44
C ASP A 183 -5.66 -18.22 -2.72
N LYS A 184 -6.76 -18.35 -3.45
CA LYS A 184 -6.74 -19.07 -4.72
C LYS A 184 -5.77 -18.41 -5.70
N ILE A 185 -5.75 -17.08 -5.70
CA ILE A 185 -4.90 -16.35 -6.63
C ILE A 185 -3.43 -16.48 -6.25
N THR A 186 -3.17 -16.57 -4.94
CA THR A 186 -1.82 -16.83 -4.46
C THR A 186 -1.34 -18.20 -4.95
N ASP A 187 -2.21 -19.19 -4.82
CA ASP A 187 -1.91 -20.54 -5.30
C ASP A 187 -1.59 -20.49 -6.79
N THR A 188 -2.35 -19.68 -7.52
CA THR A 188 -2.15 -19.52 -8.95
C THR A 188 -0.78 -18.92 -9.26
N LEU A 189 -0.41 -17.87 -8.54
CA LEU A 189 0.93 -17.30 -8.69
C LEU A 189 2.04 -18.32 -8.43
N ILE A 190 1.90 -19.10 -7.35
CA ILE A 190 2.94 -20.07 -7.01
C ILE A 190 3.05 -21.11 -8.12
N HIS A 191 1.91 -21.57 -8.61
CA HIS A 191 1.85 -22.55 -9.69
C HIS A 191 2.59 -22.06 -10.94
N LEU A 192 2.42 -20.78 -11.27
CA LEU A 192 3.08 -20.21 -12.43
C LEU A 192 4.60 -20.19 -12.25
N MET A 193 5.05 -19.78 -11.08
CA MET A 193 6.48 -19.72 -10.81
C MET A 193 7.13 -21.09 -10.78
N ALA A 194 6.42 -22.07 -10.21
CA ALA A 194 6.90 -23.44 -10.18
C ALA A 194 7.11 -23.93 -11.60
N LYS A 195 6.11 -23.72 -12.45
CA LYS A 195 6.18 -24.14 -13.84
C LYS A 195 7.34 -23.47 -14.56
N ALA A 196 7.73 -22.29 -14.09
CA ALA A 196 8.84 -21.56 -14.70
C ALA A 196 10.20 -22.05 -14.21
N GLY A 197 10.18 -23.09 -13.39
CA GLY A 197 11.42 -23.72 -12.93
C GLY A 197 12.09 -23.01 -11.77
N LEU A 198 11.37 -22.13 -11.10
CA LEU A 198 11.90 -21.44 -9.92
C LEU A 198 12.01 -22.41 -8.75
N THR A 199 13.11 -22.31 -8.00
CA THR A 199 13.26 -23.10 -6.80
C THR A 199 12.22 -22.63 -5.79
N LEU A 200 11.91 -23.46 -4.81
CA LEU A 200 10.92 -23.12 -3.81
C LEU A 200 11.29 -21.81 -3.08
N GLN A 201 12.57 -21.64 -2.78
CA GLN A 201 13.02 -20.41 -2.14
C GLN A 201 12.78 -19.22 -3.08
N GLN A 202 13.06 -19.43 -4.36
CA GLN A 202 12.87 -18.40 -5.37
C GLN A 202 11.39 -18.07 -5.57
N GLN A 203 10.53 -19.06 -5.40
CA GLN A 203 9.09 -18.86 -5.52
C GLN A 203 8.55 -17.93 -4.45
N HIS A 204 8.95 -18.16 -3.20
CA HIS A 204 8.51 -17.32 -2.09
C HIS A 204 9.07 -15.92 -2.19
N GLN A 205 10.33 -15.82 -2.61
CA GLN A 205 10.98 -14.53 -2.78
C GLN A 205 10.29 -13.70 -3.85
N ARG A 206 9.96 -14.33 -4.97
CA ARG A 206 9.32 -13.62 -6.06
C ARG A 206 7.88 -13.22 -5.72
N LEU A 207 7.16 -14.12 -5.04
CA LEU A 207 5.81 -13.81 -4.59
C LEU A 207 5.85 -12.56 -3.72
N ALA A 208 6.80 -12.51 -2.79
CA ALA A 208 6.95 -11.34 -1.92
C ALA A 208 7.26 -10.08 -2.73
N GLN A 209 8.20 -10.18 -3.67
CA GLN A 209 8.56 -9.06 -4.52
C GLN A 209 7.35 -8.52 -5.29
N LEU A 210 6.51 -9.44 -5.80
CA LEU A 210 5.32 -9.03 -6.54
C LEU A 210 4.28 -8.38 -5.64
N LEU A 211 4.02 -8.98 -4.49
CA LEU A 211 3.01 -8.43 -3.60
C LEU A 211 3.46 -7.09 -3.00
N LEU A 212 4.76 -6.91 -2.82
CA LEU A 212 5.27 -5.65 -2.25
C LEU A 212 5.08 -4.48 -3.21
N ILE A 213 5.05 -4.78 -4.51
CA ILE A 213 4.75 -3.77 -5.52
C ILE A 213 3.35 -3.17 -5.30
N LEU A 214 2.44 -3.97 -4.77
CA LEU A 214 1.08 -3.50 -4.53
C LEU A 214 1.06 -2.35 -3.52
N SER A 215 2.03 -2.34 -2.61
CA SER A 215 2.15 -1.25 -1.65
C SER A 215 2.46 0.05 -2.36
N HIS A 216 3.32 -0.03 -3.36
CA HIS A 216 3.72 1.15 -4.13
CA HIS A 216 3.69 1.16 -4.10
C HIS A 216 2.61 1.61 -5.06
N ILE A 217 1.84 0.67 -5.58
CA ILE A 217 0.69 1.03 -6.41
C ILE A 217 -0.32 1.77 -5.54
N ARG A 218 -0.54 1.29 -4.32
CA ARG A 218 -1.48 1.96 -3.43
C ARG A 218 -1.01 3.40 -3.16
N HIS A 219 0.28 3.55 -2.93
CA HIS A 219 0.86 4.85 -2.69
C HIS A 219 0.62 5.79 -3.88
N MET A 220 0.90 5.29 -5.08
CA MET A 220 0.72 6.12 -6.27
C MET A 220 -0.74 6.53 -6.46
N SER A 221 -1.64 5.58 -6.23
CA SER A 221 -3.07 5.86 -6.33
C SER A 221 -3.49 6.97 -5.36
N ASN A 222 -3.00 6.92 -4.12
CA ASN A 222 -3.39 7.95 -3.17
C ASN A 222 -2.84 9.33 -3.53
N LYS A 223 -1.58 9.36 -3.96
CA LYS A 223 -0.98 10.61 -4.43
C LYS A 223 -1.71 11.14 -5.68
N GLY A 224 -2.09 10.24 -6.57
CA GLY A 224 -2.81 10.63 -7.78
C GLY A 224 -4.20 11.16 -7.44
N MET A 225 -4.84 10.56 -6.45
CA MET A 225 -6.17 10.98 -6.05
C MET A 225 -6.12 12.41 -5.51
N GLU A 226 -5.05 12.73 -4.78
CA GLU A 226 -4.84 14.10 -4.29
C GLU A 226 -4.71 15.04 -5.48
N HIS A 227 -3.92 14.63 -6.47
CA HIS A 227 -3.66 15.44 -7.64
C HIS A 227 -4.94 15.64 -8.46
N LEU A 228 -5.77 14.62 -8.54
CA LEU A 228 -7.03 14.71 -9.25
C LEU A 228 -7.96 15.70 -8.57
N TYR A 229 -7.97 15.70 -7.25
CA TYR A 229 -8.80 16.61 -6.49
C TYR A 229 -8.40 18.07 -6.72
N SER A 230 -7.10 18.31 -6.81
CA SER A 230 -6.60 19.67 -7.02
C SER A 230 -6.92 20.15 -8.44
N MET A 231 -6.78 19.27 -9.42
CA MET A 231 -7.15 19.58 -10.80
C MET A 231 -8.64 19.93 -10.89
N LYS A 232 -9.45 19.19 -10.14
CA LYS A 232 -10.88 19.45 -10.10
C LYS A 232 -11.19 20.82 -9.50
N CYS A 233 -10.41 21.20 -8.49
CA CYS A 233 -10.64 22.48 -7.81
C CYS A 233 -10.14 23.66 -8.62
N LYS A 234 -9.15 23.42 -9.47
CA LYS A 234 -8.64 24.46 -10.37
C LYS A 234 -9.60 24.68 -11.54
N ASN A 235 -10.49 23.70 -11.75
CA ASN A 235 -11.55 23.82 -12.74
C ASN A 235 -11.07 24.24 -14.14
N VAL A 236 -9.87 23.82 -14.52
CA VAL A 236 -9.37 24.06 -15.87
C VAL A 236 -9.43 22.78 -16.69
N VAL A 237 -9.25 21.65 -16.00
CA VAL A 237 -9.27 20.34 -16.65
C VAL A 237 -10.65 19.70 -16.57
N PRO A 238 -11.24 19.37 -17.73
CA PRO A 238 -12.56 18.74 -17.78
C PRO A 238 -12.55 17.33 -17.20
N LEU A 239 -13.44 17.07 -16.26
CA LEU A 239 -13.57 15.74 -15.67
C LEU A 239 -14.95 15.19 -15.99
N SER A 240 -14.99 13.92 -16.41
CA SER A 240 -16.26 13.29 -16.71
C SER A 240 -17.07 13.13 -15.44
N ASP A 241 -18.35 12.81 -15.59
CA ASP A 241 -19.23 12.61 -14.45
C ASP A 241 -18.85 11.34 -13.67
N LEU A 242 -18.47 10.29 -14.40
CA LEU A 242 -18.07 9.05 -13.75
C LEU A 242 -16.80 9.25 -12.94
N LEU A 243 -15.86 10.01 -13.50
CA LEU A 243 -14.59 10.27 -12.84
C LEU A 243 -14.80 11.09 -11.57
N LEU A 244 -15.67 12.07 -11.65
CA LEU A 244 -16.00 12.90 -10.49
C LEU A 244 -16.63 12.09 -9.36
N GLU A 245 -17.44 11.09 -9.73
CA GLU A 245 -18.10 10.25 -8.72
C GLU A 245 -17.10 9.31 -8.04
N MET A 246 -16.19 8.73 -8.81
CA MET A 246 -15.16 7.84 -8.26
C MET A 246 -14.22 8.64 -7.37
N LEU A 247 -13.86 9.83 -7.82
CA LEU A 247 -13.00 10.72 -7.05
C LEU A 247 -13.69 11.09 -5.75
N ASP A 248 -14.99 11.36 -5.83
CA ASP A 248 -15.78 11.76 -4.68
C ASP A 248 -15.81 10.67 -3.60
N ALA A 249 -15.81 9.41 -4.03
CA ALA A 249 -15.87 8.29 -3.10
C ALA A 249 -14.64 8.22 -2.18
N HIS A 250 -13.58 8.91 -2.57
CA HIS A 250 -12.37 8.99 -1.76
C HIS A 250 -12.39 10.24 -0.88
N ARG A 251 -13.48 11.01 -0.97
CA ARG A 251 -13.63 12.23 -0.21
C ARG A 251 -12.57 13.26 -0.60
N LYS B 6 32.44 -3.59 1.25
CA LYS B 6 31.14 -3.26 0.64
C LYS B 6 30.09 -4.32 0.95
N ASN B 7 30.54 -5.48 1.44
CA ASN B 7 29.63 -6.57 1.79
C ASN B 7 28.95 -6.36 3.15
N SER B 8 27.65 -6.60 3.19
CA SER B 8 26.84 -6.38 4.39
C SER B 8 26.79 -7.63 5.28
N LEU B 9 26.97 -7.43 6.57
CA LEU B 9 26.88 -8.55 7.52
C LEU B 9 25.48 -9.16 7.52
N ALA B 10 24.49 -8.36 7.14
CA ALA B 10 23.09 -8.78 7.17
C ALA B 10 22.84 -10.04 6.33
N LEU B 11 23.50 -10.11 5.18
CA LEU B 11 23.29 -11.24 4.28
C LEU B 11 23.92 -12.54 4.78
N SER B 12 24.89 -12.42 5.68
CA SER B 12 25.58 -13.59 6.19
C SER B 12 24.89 -14.19 7.42
N LEU B 13 23.89 -13.49 7.94
CA LEU B 13 23.15 -13.98 9.11
C LEU B 13 22.25 -15.14 8.74
N THR B 14 21.96 -16.00 9.72
CA THR B 14 20.99 -17.07 9.54
C THR B 14 19.61 -16.56 9.91
N ALA B 15 18.58 -17.34 9.58
CA ALA B 15 17.20 -16.94 9.85
C ALA B 15 16.98 -16.60 11.33
N ASP B 16 17.59 -17.39 12.21
CA ASP B 16 17.45 -17.18 13.64
C ASP B 16 18.25 -15.98 14.14
N GLN B 17 19.41 -15.74 13.53
CA GLN B 17 20.21 -14.57 13.86
C GLN B 17 19.49 -13.29 13.45
N MET B 18 18.86 -13.32 12.28
CA MET B 18 18.05 -12.20 11.80
C MET B 18 16.87 -11.93 12.73
N VAL B 19 16.11 -12.97 13.05
CA VAL B 19 14.98 -12.84 13.97
C VAL B 19 15.41 -12.32 15.33
N SER B 20 16.49 -12.87 15.87
CA SER B 20 16.97 -12.45 17.19
C SER B 20 17.45 -10.99 17.14
N ALA B 21 18.15 -10.64 16.05
CA ALA B 21 18.58 -9.26 15.85
C ALA B 21 17.39 -8.32 15.84
N LEU B 22 16.38 -8.63 15.03
CA LEU B 22 15.19 -7.80 14.95
C LEU B 22 14.45 -7.72 16.28
N LEU B 23 14.32 -8.85 16.96
CA LEU B 23 13.67 -8.87 18.28
C LEU B 23 14.45 -8.02 19.28
N ASP B 24 15.78 -8.06 19.17
CA ASP B 24 16.65 -7.35 20.10
C ASP B 24 16.63 -5.85 19.85
N ALA B 25 16.33 -5.46 18.61
CA ALA B 25 16.33 -4.06 18.21
C ALA B 25 15.04 -3.34 18.61
N GLU B 26 14.03 -4.11 18.98
CA GLU B 26 12.72 -3.54 19.31
C GLU B 26 12.82 -2.37 20.27
N PRO B 27 12.15 -1.26 19.93
CA PRO B 27 12.15 -0.12 20.87
C PRO B 27 11.20 -0.38 22.02
N PRO B 28 11.33 0.41 23.09
CA PRO B 28 10.46 0.22 24.26
C PRO B 28 9.05 0.76 24.04
N ILE B 29 8.13 0.31 24.87
CA ILE B 29 6.78 0.88 24.88
C ILE B 29 6.78 2.11 25.79
N LEU B 30 6.45 3.26 25.23
CA LEU B 30 6.51 4.51 25.97
C LEU B 30 5.18 4.86 26.63
N TYR B 31 5.22 5.76 27.60
CA TYR B 31 4.00 6.21 28.25
C TYR B 31 3.64 7.60 27.80
N SER B 32 2.35 7.90 27.86
CA SER B 32 1.85 9.24 27.61
C SER B 32 2.12 10.07 28.86
N GLU B 33 2.19 11.38 28.70
CA GLU B 33 2.17 12.25 29.87
C GLU B 33 0.97 11.82 30.67
N TYR B 34 1.07 11.88 31.99
CA TYR B 34 -0.03 11.47 32.86
C TYR B 34 -1.04 12.61 33.02
N ASP B 35 -0.94 13.59 32.13
CA ASP B 35 -1.82 14.76 32.15
C ASP B 35 -1.77 15.49 30.81
N PRO B 36 -2.94 15.74 30.19
CA PRO B 36 -4.27 15.32 30.64
C PRO B 36 -4.37 13.81 30.88
N ARG B 38 -7.91 12.62 30.83
CA ARG B 38 -8.62 11.82 29.85
C ARG B 38 -9.13 12.71 28.72
N PRO B 39 -8.32 12.83 27.66
CA PRO B 39 -8.49 13.86 26.62
C PRO B 39 -9.86 13.84 25.96
N PHE B 40 -10.58 14.95 26.06
CA PHE B 40 -11.87 15.08 25.39
C PHE B 40 -11.89 16.36 24.56
N SER B 41 -10.74 17.00 24.44
CA SER B 41 -10.62 18.17 23.59
C SER B 41 -9.67 17.87 22.43
N GLU B 42 -9.80 18.63 21.36
CA GLU B 42 -8.92 18.49 20.20
C GLU B 42 -7.51 18.86 20.62
N ALA B 43 -7.38 19.95 21.36
CA ALA B 43 -6.07 20.43 21.81
C ALA B 43 -5.34 19.38 22.65
N SER B 44 -5.99 18.87 23.69
CA SER B 44 -5.35 17.92 24.59
C SER B 44 -5.08 16.59 23.89
N MET B 45 -6.03 16.14 23.09
CA MET B 45 -5.86 14.93 22.30
C MET B 45 -4.59 15.00 21.46
N MET B 46 -4.52 16.01 20.59
CA MET B 46 -3.39 16.14 19.69
C MET B 46 -2.11 16.55 20.42
N GLY B 47 -2.26 17.18 21.57
CA GLY B 47 -1.12 17.49 22.39
C GLY B 47 -0.44 16.22 22.87
N LEU B 48 -1.24 15.28 23.37
CA LEU B 48 -0.74 14.03 23.91
C LEU B 48 -0.15 13.14 22.81
N LEU B 49 -0.89 13.02 21.71
CA LEU B 49 -0.48 12.15 20.61
C LEU B 49 0.77 12.65 19.91
N THR B 50 0.86 13.96 19.69
CA THR B 50 2.05 14.50 19.03
C THR B 50 3.28 14.42 19.91
N ASN B 51 3.12 14.67 21.22
CA ASN B 51 4.22 14.52 22.16
C ASN B 51 4.73 13.09 22.16
N LEU B 52 3.80 12.14 22.17
CA LEU B 52 4.14 10.72 22.14
C LEU B 52 4.81 10.35 20.83
N ALA B 53 4.26 10.81 19.71
CA ALA B 53 4.84 10.53 18.40
C ALA B 53 6.27 11.06 18.34
N ASP B 54 6.45 12.26 18.88
CA ASP B 54 7.78 12.86 18.90
CA ASP B 54 7.78 12.88 18.95
C ASP B 54 8.79 11.95 19.59
N ARG B 55 8.44 11.45 20.78
CA ARG B 55 9.34 10.58 21.50
C ARG B 55 9.51 9.22 20.81
N GLU B 56 8.43 8.70 20.22
CA GLU B 56 8.50 7.43 19.49
C GLU B 56 9.41 7.51 18.28
N LEU B 57 9.43 8.67 17.61
CA LEU B 57 10.28 8.86 16.44
C LEU B 57 11.75 8.71 16.78
N VAL B 58 12.18 9.31 17.89
CA VAL B 58 13.56 9.20 18.30
C VAL B 58 13.94 7.73 18.50
N HIS B 59 13.06 6.97 19.12
CA HIS B 59 13.33 5.55 19.32
C HIS B 59 13.29 4.79 18.00
N MET B 60 12.42 5.20 17.10
CA MET B 60 12.31 4.52 15.80
C MET B 60 13.60 4.72 15.01
N ILE B 61 14.15 5.92 15.06
CA ILE B 61 15.38 6.20 14.32
C ILE B 61 16.51 5.32 14.81
N ASN B 62 16.63 5.16 16.13
CA ASN B 62 17.65 4.30 16.69
C ASN B 62 17.36 2.80 16.53
N TRP B 63 16.07 2.46 16.42
CA TRP B 63 15.69 1.11 16.02
C TRP B 63 16.16 0.82 14.59
N ALA B 64 15.90 1.75 13.68
CA ALA B 64 16.24 1.54 12.28
C ALA B 64 17.73 1.26 12.10
N LYS B 65 18.57 1.96 12.86
CA LYS B 65 20.02 1.75 12.77
C LYS B 65 20.41 0.33 13.16
N ARG B 66 19.52 -0.35 13.88
CA ARG B 66 19.79 -1.70 14.34
C ARG B 66 19.16 -2.79 13.47
N VAL B 67 18.50 -2.39 12.38
CA VAL B 67 17.96 -3.34 11.42
C VAL B 67 19.08 -3.77 10.47
N PRO B 68 19.41 -5.07 10.48
CA PRO B 68 20.53 -5.55 9.66
C PRO B 68 20.41 -5.04 8.22
N GLY B 69 21.48 -4.43 7.73
CA GLY B 69 21.54 -3.97 6.36
C GLY B 69 21.24 -2.49 6.20
N PHE B 70 20.57 -1.90 7.19
CA PHE B 70 20.18 -0.50 7.10
C PHE B 70 21.38 0.43 7.16
N VAL B 71 22.26 0.22 8.14
CA VAL B 71 23.45 1.04 8.33
CA VAL B 71 23.43 1.08 8.30
C VAL B 71 24.43 0.94 7.16
N ASP B 72 24.22 -0.04 6.29
CA ASP B 72 25.07 -0.23 5.12
C ASP B 72 24.72 0.73 4.01
N LEU B 73 23.56 1.35 4.12
CA LEU B 73 23.11 2.32 3.12
C LEU B 73 23.78 3.67 3.39
N THR B 74 23.85 4.51 2.37
CA THR B 74 24.35 5.86 2.57
C THR B 74 23.40 6.60 3.53
N LEU B 75 23.90 7.67 4.14
CA LEU B 75 23.08 8.48 5.03
C LEU B 75 21.85 9.01 4.29
N HIS B 76 22.05 9.44 3.06
CA HIS B 76 20.96 9.99 2.26
C HIS B 76 19.87 8.94 2.00
N ASP B 77 20.29 7.71 1.74
CA ASP B 77 19.33 6.62 1.52
C ASP B 77 18.57 6.28 2.81
N GLN B 78 19.28 6.25 3.94
CA GLN B 78 18.62 6.00 5.22
C GLN B 78 17.56 7.07 5.50
N VAL B 79 17.92 8.32 5.24
CA VAL B 79 17.00 9.44 5.43
C VAL B 79 15.75 9.26 4.57
N HIS B 80 15.95 8.93 3.30
CA HIS B 80 14.84 8.75 2.38
C HIS B 80 13.90 7.64 2.85
N LEU B 81 14.46 6.49 3.24
CA LEU B 81 13.63 5.37 3.66
C LEU B 81 12.78 5.71 4.89
N LEU B 82 13.39 6.34 5.87
CA LEU B 82 12.68 6.72 7.09
C LEU B 82 11.67 7.82 6.84
N GLU B 83 12.02 8.78 5.99
CA GLU B 83 11.08 9.84 5.65
C GLU B 83 9.82 9.24 5.01
N ALA B 85 8.68 5.95 5.26
CA ALA B 85 7.99 4.93 6.06
C ALA B 85 7.61 5.29 7.50
N TRP B 86 8.02 6.45 7.99
CA TRP B 86 7.89 6.71 9.43
C TRP B 86 6.47 6.51 9.98
N LEU B 87 5.46 6.99 9.26
CA LEU B 87 4.10 6.88 9.78
C LEU B 87 3.57 5.44 9.65
N GLU B 88 3.87 4.79 8.54
CA GLU B 88 3.59 3.36 8.41
C GLU B 88 4.18 2.57 9.60
N ILE B 89 5.42 2.89 9.96
CA ILE B 89 6.08 2.17 11.05
C ILE B 89 5.40 2.46 12.40
N LEU B 90 5.04 3.71 12.67
CA LEU B 90 4.30 4.01 13.90
C LEU B 90 2.97 3.26 13.91
N MET B 91 2.28 3.24 12.77
CA MET B 91 0.97 2.61 12.68
C MET B 91 1.01 1.10 12.86
N ILE B 92 1.98 0.42 12.26
CA ILE B 92 2.06 -1.02 12.45
C ILE B 92 2.36 -1.35 13.91
N GLY B 93 3.18 -0.53 14.56
CA GLY B 93 3.44 -0.73 15.98
C GLY B 93 2.18 -0.56 16.83
N LEU B 94 1.42 0.47 16.53
CA LEU B 94 0.18 0.75 17.25
C LEU B 94 -0.80 -0.41 17.10
N VAL B 95 -1.02 -0.83 15.85
CA VAL B 95 -1.92 -1.92 15.55
C VAL B 95 -1.49 -3.22 16.25
N TRP B 96 -0.18 -3.46 16.30
CA TRP B 96 0.35 -4.61 17.02
C TRP B 96 0.11 -4.54 18.54
N ARG B 97 0.40 -3.39 19.14
CA ARG B 97 0.20 -3.21 20.58
C ARG B 97 -1.26 -3.31 20.96
N SER B 98 -2.13 -3.03 19.99
CA SER B 98 -3.57 -2.94 20.26
C SER B 98 -4.27 -4.27 20.01
N MET B 99 -3.50 -5.28 19.63
CA MET B 99 -4.06 -6.55 19.17
C MET B 99 -4.90 -7.23 20.24
N GLU B 100 -4.36 -7.33 21.45
CA GLU B 100 -5.06 -7.98 22.55
C GLU B 100 -6.03 -7.04 23.24
N HIS B 101 -6.36 -5.93 22.59
CA HIS B 101 -7.34 -4.98 23.12
C HIS B 101 -8.40 -4.64 22.08
N PRO B 102 -9.21 -5.63 21.66
CA PRO B 102 -10.23 -5.43 20.63
C PRO B 102 -11.06 -4.17 20.85
N GLY B 103 -11.22 -3.38 19.79
CA GLY B 103 -12.01 -2.16 19.86
C GLY B 103 -11.24 -0.97 20.42
N LYS B 104 -10.03 -1.24 20.92
CA LYS B 104 -9.24 -0.18 21.53
C LYS B 104 -7.91 0.04 20.81
N LEU B 105 -7.43 1.28 20.83
CA LEU B 105 -6.09 1.60 20.32
C LEU B 105 -5.16 1.97 21.48
N LEU B 106 -4.17 1.12 21.72
CA LEU B 106 -3.21 1.32 22.80
C LEU B 106 -2.05 2.21 22.34
N PHE B 107 -2.27 3.52 22.36
CA PHE B 107 -1.21 4.47 22.01
C PHE B 107 -0.11 4.40 23.04
N ALA B 108 -0.51 4.22 24.30
CA ALA B 108 0.41 3.94 25.42
C ALA B 108 -0.35 3.13 26.45
N PRO B 109 0.37 2.47 27.37
CA PRO B 109 -0.32 1.68 28.39
C PRO B 109 -1.28 2.54 29.20
N ASN B 110 -0.96 3.83 29.32
CA ASN B 110 -1.81 4.76 30.04
C ASN B 110 -2.59 5.69 29.13
N LEU B 111 -2.67 5.33 27.85
CA LEU B 111 -3.47 6.07 26.89
C LEU B 111 -4.11 5.10 25.90
N LEU B 112 -5.15 4.40 26.36
CA LEU B 112 -5.86 3.42 25.56
C LEU B 112 -7.17 4.04 25.10
N LEU B 113 -7.29 4.32 23.81
CA LEU B 113 -8.41 5.11 23.29
C LEU B 113 -9.34 4.28 22.40
N ASP B 114 -10.56 4.78 22.20
CA ASP B 114 -11.52 4.13 21.30
C ASP B 114 -12.07 5.13 20.29
N ARG B 115 -12.90 4.66 19.36
CA ARG B 115 -13.33 5.50 18.24
C ARG B 115 -14.15 6.71 18.69
N ASN B 116 -14.77 6.61 19.86
CA ASN B 116 -15.45 7.75 20.45
C ASN B 116 -14.45 8.87 20.66
N GLN B 117 -13.28 8.49 21.18
CA GLN B 117 -12.18 9.41 21.39
C GLN B 117 -11.85 10.16 20.11
N GLY B 118 -11.88 9.43 18.99
CA GLY B 118 -11.46 9.97 17.71
C GLY B 118 -12.26 11.13 17.18
N LYS B 119 -13.55 11.17 17.49
CA LYS B 119 -14.42 12.22 16.97
C LYS B 119 -14.06 13.60 17.52
N CYS B 120 -13.47 13.64 18.71
CA CYS B 120 -13.07 14.91 19.33
CA CYS B 120 -13.10 14.92 19.31
C CYS B 120 -11.93 15.57 18.58
N VAL B 121 -11.62 15.04 17.40
CA VAL B 121 -10.62 15.63 16.52
C VAL B 121 -11.11 15.49 15.09
N GLU B 122 -11.50 16.61 14.49
CA GLU B 122 -12.04 16.60 13.14
C GLU B 122 -11.16 15.78 12.19
N GLY B 123 -11.74 14.73 11.61
CA GLY B 123 -11.05 13.92 10.62
C GLY B 123 -10.25 12.76 11.18
N MET B 124 -10.35 12.52 12.48
CA MET B 124 -9.54 11.48 13.11
C MET B 124 -10.25 10.13 13.27
N VAL B 125 -11.58 10.16 13.34
CA VAL B 125 -12.32 8.92 13.57
C VAL B 125 -12.20 7.98 12.36
N GLU B 126 -11.98 8.55 11.18
CA GLU B 126 -11.83 7.74 9.98
C GLU B 126 -10.55 6.92 10.05
N ILE B 127 -9.47 7.58 10.48
CA ILE B 127 -8.18 6.91 10.64
C ILE B 127 -8.22 5.89 11.77
N PHE B 128 -8.86 6.26 12.88
CA PHE B 128 -9.03 5.34 14.00
C PHE B 128 -9.71 4.05 13.55
N ASP B 129 -10.74 4.18 12.73
CA ASP B 129 -11.50 3.01 12.26
C ASP B 129 -10.65 2.07 11.41
N MET B 130 -9.83 2.65 10.55
CA MET B 130 -8.91 1.85 9.72
C MET B 130 -7.90 1.12 10.60
N LEU B 131 -7.38 1.82 11.60
CA LEU B 131 -6.41 1.20 12.50
C LEU B 131 -7.04 0.04 13.25
N LEU B 132 -8.23 0.27 13.80
CA LEU B 132 -8.95 -0.78 14.54
C LEU B 132 -9.24 -2.00 13.65
N ALA B 133 -9.63 -1.74 12.41
CA ALA B 133 -9.90 -2.84 11.47
C ALA B 133 -8.64 -3.69 11.23
N THR B 134 -7.50 -3.01 11.11
CA THR B 134 -6.24 -3.71 10.88
C THR B 134 -5.83 -4.51 12.10
N SER B 135 -6.01 -3.92 13.29
CA SER B 135 -5.69 -4.63 14.51
C SER B 135 -6.48 -5.93 14.59
N SER B 136 -7.77 -5.85 14.29
CA SER B 136 -8.63 -7.02 14.32
C SER B 136 -8.16 -8.09 13.33
N ARG B 137 -7.77 -7.63 12.14
CA ARG B 137 -7.25 -8.55 11.13
C ARG B 137 -6.01 -9.27 11.66
N PHE B 138 -5.10 -8.52 12.26
CA PHE B 138 -3.90 -9.12 12.85
C PHE B 138 -4.29 -10.16 13.90
N ARG B 139 -5.26 -9.82 14.73
CA ARG B 139 -5.67 -10.71 15.81
C ARG B 139 -6.20 -12.02 15.26
N MET B 140 -7.12 -11.94 14.31
CA MET B 140 -7.70 -13.13 13.71
C MET B 140 -6.66 -13.97 12.97
N MET B 141 -5.61 -13.33 12.45
CA MET B 141 -4.55 -14.06 11.78
C MET B 141 -3.61 -14.70 12.80
N ASN B 142 -3.79 -14.35 14.06
CA ASN B 142 -2.89 -14.79 15.11
C ASN B 142 -1.45 -14.42 14.75
N LEU B 143 -1.24 -13.16 14.37
CA LEU B 143 0.10 -12.67 14.08
C LEU B 143 1.04 -12.87 15.26
N GLN B 144 2.20 -13.45 15.00
CA GLN B 144 3.22 -13.66 16.01
C GLN B 144 4.19 -12.49 16.05
N GLY B 145 4.80 -12.24 17.21
CA GLY B 145 5.75 -11.16 17.36
C GLY B 145 6.94 -11.28 16.43
N GLU B 146 7.39 -12.51 16.19
CA GLU B 146 8.50 -12.75 15.29
C GLU B 146 8.13 -12.33 13.86
N GLU B 147 6.87 -12.57 13.51
CA GLU B 147 6.36 -12.16 12.20
C GLU B 147 6.21 -10.65 12.16
N PHE B 148 5.73 -10.07 13.25
CA PHE B 148 5.56 -8.63 13.32
C PHE B 148 6.85 -7.86 13.07
N VAL B 149 7.94 -8.26 13.73
CA VAL B 149 9.21 -7.55 13.54
C VAL B 149 9.74 -7.69 12.11
N CYS B 150 9.43 -8.81 11.46
CA CYS B 150 9.82 -8.96 10.06
C CYS B 150 9.04 -7.98 9.21
N LEU B 151 7.75 -7.87 9.47
CA LEU B 151 6.88 -7.00 8.67
C LEU B 151 7.29 -5.56 8.84
N LYS B 152 7.59 -5.17 10.08
CA LYS B 152 7.97 -3.79 10.32
C LYS B 152 9.26 -3.44 9.60
N SER B 153 10.22 -4.37 9.56
CA SER B 153 11.47 -4.15 8.84
C SER B 153 11.27 -4.10 7.32
N ILE B 154 10.33 -4.90 6.83
CA ILE B 154 9.99 -4.86 5.40
C ILE B 154 9.48 -3.48 5.00
N ILE B 155 8.63 -2.90 5.85
CA ILE B 155 8.12 -1.56 5.58
C ILE B 155 9.25 -0.55 5.46
N LEU B 156 10.19 -0.60 6.41
CA LEU B 156 11.30 0.32 6.43
C LEU B 156 12.09 0.27 5.12
N LEU B 157 12.35 -0.94 4.64
CA LEU B 157 13.20 -1.12 3.47
C LEU B 157 12.43 -1.00 2.15
N ASN B 158 11.15 -1.34 2.16
CA ASN B 158 10.36 -1.38 0.93
C ASN B 158 9.69 -0.08 0.51
N SER B 159 9.09 0.62 1.47
CA SER B 159 8.18 1.72 1.12
C SER B 159 8.80 2.78 0.22
N GLY B 160 10.06 3.09 0.44
CA GLY B 160 10.73 4.13 -0.34
C GLY B 160 11.72 3.64 -1.37
N VAL B 161 11.75 2.33 -1.59
CA VAL B 161 12.80 1.75 -2.43
C VAL B 161 12.69 2.01 -3.94
N TYR B 162 11.48 2.29 -4.44
CA TYR B 162 11.28 2.53 -5.87
CA TYR B 162 11.31 2.52 -5.87
C TYR B 162 11.31 4.01 -6.19
N THR B 163 11.33 4.84 -5.15
CA THR B 163 11.45 6.28 -5.36
C THR B 163 12.91 6.69 -5.21
N PHE B 164 13.79 5.74 -5.52
CA PHE B 164 15.23 5.98 -5.55
C PHE B 164 15.66 6.41 -6.95
N ASP B 176 19.60 -2.68 -5.07
CA ASP B 176 20.04 -4.06 -5.16
C ASP B 176 20.25 -4.65 -3.77
N HIS B 177 21.12 -4.00 -3.01
CA HIS B 177 21.35 -4.36 -1.61
C HIS B 177 20.04 -4.48 -0.84
N ILE B 178 19.19 -3.47 -0.97
CA ILE B 178 17.92 -3.45 -0.26
C ILE B 178 17.05 -4.64 -0.66
N HIS B 179 17.01 -4.96 -1.94
CA HIS B 179 16.20 -6.08 -2.40
C HIS B 179 16.73 -7.43 -1.92
N ARG B 180 18.06 -7.54 -1.82
CA ARG B 180 18.67 -8.74 -1.26
C ARG B 180 18.28 -8.88 0.21
N VAL B 181 18.32 -7.76 0.95
CA VAL B 181 17.94 -7.80 2.34
C VAL B 181 16.46 -8.12 2.48
N LEU B 182 15.65 -7.53 1.59
CA LEU B 182 14.22 -7.83 1.57
C LEU B 182 13.98 -9.33 1.33
N ASP B 183 14.73 -9.91 0.41
CA ASP B 183 14.66 -11.35 0.16
C ASP B 183 15.02 -12.14 1.41
N LYS B 184 16.09 -11.73 2.08
CA LYS B 184 16.51 -12.37 3.32
C LYS B 184 15.36 -12.38 4.32
N ILE B 185 14.68 -11.24 4.45
CA ILE B 185 13.57 -11.14 5.39
C ILE B 185 12.40 -12.05 4.99
N THR B 186 12.15 -12.16 3.69
CA THR B 186 11.17 -13.11 3.18
C THR B 186 11.54 -14.53 3.59
N ASP B 187 12.81 -14.89 3.38
CA ASP B 187 13.31 -16.18 3.80
C ASP B 187 13.05 -16.34 5.30
N THR B 188 13.26 -15.26 6.05
CA THR B 188 13.07 -15.31 7.50
C THR B 188 11.62 -15.58 7.88
N LEU B 189 10.69 -14.88 7.22
CA LEU B 189 9.26 -15.12 7.43
C LEU B 189 8.85 -16.57 7.15
N ILE B 190 9.29 -17.09 6.02
CA ILE B 190 9.00 -18.48 5.67
C ILE B 190 9.59 -19.43 6.72
N HIS B 191 10.85 -19.16 7.09
CA HIS B 191 11.53 -19.91 8.14
C HIS B 191 10.70 -20.00 9.41
N LEU B 192 10.09 -18.88 9.81
CA LEU B 192 9.26 -18.84 11.01
C LEU B 192 7.98 -19.65 10.86
N MET B 193 7.34 -19.57 9.70
CA MET B 193 6.11 -20.30 9.47
C MET B 193 6.35 -21.80 9.37
N ALA B 194 7.46 -22.17 8.76
CA ALA B 194 7.85 -23.58 8.67
C ALA B 194 8.14 -24.09 10.08
N LYS B 195 8.89 -23.31 10.84
CA LYS B 195 9.20 -23.66 12.22
C LYS B 195 7.93 -23.88 13.03
N ALA B 196 6.87 -23.15 12.69
CA ALA B 196 5.60 -23.24 13.41
C ALA B 196 4.74 -24.39 12.89
N GLY B 197 5.24 -25.13 11.90
CA GLY B 197 4.57 -26.32 11.44
C GLY B 197 3.49 -26.11 10.38
N LEU B 198 3.59 -25.04 9.61
CA LEU B 198 2.65 -24.83 8.52
C LEU B 198 3.06 -25.64 7.29
N THR B 199 2.06 -26.15 6.57
CA THR B 199 2.33 -26.86 5.32
C THR B 199 2.80 -25.86 4.29
N LEU B 200 3.40 -26.35 3.21
CA LEU B 200 3.87 -25.48 2.14
C LEU B 200 2.80 -24.51 1.66
N GLN B 201 1.61 -25.02 1.38
CA GLN B 201 0.51 -24.20 0.88
C GLN B 201 0.07 -23.17 1.92
N GLN B 202 0.10 -23.54 3.19
CA GLN B 202 -0.22 -22.60 4.26
C GLN B 202 0.87 -21.53 4.36
N GLN B 203 2.11 -21.92 4.08
CA GLN B 203 3.23 -21.00 4.12
C GLN B 203 3.09 -19.89 3.08
N HIS B 204 2.85 -20.25 1.82
CA HIS B 204 2.76 -19.22 0.80
CA HIS B 204 2.70 -19.28 0.73
C HIS B 204 1.48 -18.40 0.94
N GLN B 205 0.38 -19.03 1.35
CA GLN B 205 -0.88 -18.32 1.55
C GLN B 205 -0.76 -17.29 2.68
N ARG B 206 -0.15 -17.69 3.79
CA ARG B 206 0.00 -16.79 4.92
C ARG B 206 0.95 -15.64 4.58
N LEU B 207 2.03 -15.95 3.87
CA LEU B 207 2.97 -14.92 3.46
C LEU B 207 2.25 -13.86 2.63
N ALA B 208 1.38 -14.31 1.73
CA ALA B 208 0.59 -13.39 0.91
C ALA B 208 -0.36 -12.54 1.74
N GLN B 209 -1.09 -13.18 2.65
CA GLN B 209 -2.03 -12.47 3.50
C GLN B 209 -1.33 -11.36 4.30
N LEU B 210 -0.15 -11.66 4.83
CA LEU B 210 0.58 -10.69 5.63
C LEU B 210 1.06 -9.51 4.78
N LEU B 211 1.63 -9.82 3.63
CA LEU B 211 2.14 -8.77 2.75
C LEU B 211 1.02 -7.90 2.17
N LEU B 212 -0.15 -8.50 1.93
CA LEU B 212 -1.30 -7.71 1.46
C LEU B 212 -1.76 -6.67 2.49
N ILE B 213 -1.57 -6.99 3.76
CA ILE B 213 -1.93 -6.03 4.81
C ILE B 213 -1.02 -4.79 4.73
N LEU B 214 0.17 -4.97 4.19
CA LEU B 214 1.09 -3.84 4.02
C LEU B 214 0.52 -2.80 3.05
N SER B 215 -0.28 -3.23 2.10
CA SER B 215 -0.98 -2.30 1.21
C SER B 215 -1.94 -1.42 2.00
N HIS B 216 -2.65 -2.00 2.95
CA HIS B 216 -3.59 -1.23 3.77
CA HIS B 216 -3.58 -1.24 3.76
C HIS B 216 -2.85 -0.30 4.72
N ILE B 217 -1.73 -0.76 5.26
CA ILE B 217 -0.93 0.09 6.15
C ILE B 217 -0.45 1.32 5.37
N ARG B 218 -0.04 1.10 4.12
CA ARG B 218 0.35 2.21 3.25
C ARG B 218 -0.81 3.18 3.06
N HIS B 219 -1.99 2.61 2.80
CA HIS B 219 -3.17 3.44 2.62
C HIS B 219 -3.43 4.29 3.86
N MET B 220 -3.37 3.66 5.03
CA MET B 220 -3.61 4.40 6.28
C MET B 220 -2.59 5.52 6.50
N SER B 221 -1.34 5.24 6.17
CA SER B 221 -0.29 6.23 6.28
C SER B 221 -0.56 7.44 5.39
N ASN B 222 -0.94 7.17 4.16
CA ASN B 222 -1.24 8.22 3.21
C ASN B 222 -2.38 9.10 3.73
N LYS B 223 -3.45 8.45 4.17
CA LYS B 223 -4.60 9.18 4.67
C LYS B 223 -4.24 9.93 5.95
N GLY B 224 -3.46 9.29 6.81
CA GLY B 224 -3.01 9.93 8.04
C GLY B 224 -2.14 11.13 7.77
N MET B 225 -1.30 11.04 6.74
CA MET B 225 -0.40 12.14 6.42
C MET B 225 -1.21 13.35 5.96
N GLU B 226 -2.29 13.08 5.23
CA GLU B 226 -3.20 14.13 4.79
C GLU B 226 -3.85 14.79 6.00
N HIS B 227 -4.31 13.97 6.93
CA HIS B 227 -4.96 14.46 8.14
C HIS B 227 -4.00 15.28 8.99
N LEU B 228 -2.76 14.81 9.09
CA LEU B 228 -1.74 15.51 9.88
C LEU B 228 -1.44 16.87 9.28
N TYR B 229 -1.46 16.93 7.95
CA TYR B 229 -1.22 18.17 7.23
C TYR B 229 -2.33 19.17 7.50
N SER B 230 -3.57 18.68 7.48
CA SER B 230 -4.72 19.55 7.72
C SER B 230 -4.67 20.11 9.14
N MET B 231 -4.27 19.27 10.08
CA MET B 231 -4.15 19.69 11.47
C MET B 231 -3.05 20.71 11.63
N LYS B 232 -1.99 20.58 10.85
CA LYS B 232 -0.92 21.56 10.85
C LYS B 232 -1.45 22.92 10.40
N LYS B 234 -4.66 23.85 10.49
CA LYS B 234 -5.66 24.28 11.46
C LYS B 234 -4.98 24.86 12.71
N ASN B 235 -3.70 24.55 12.88
CA ASN B 235 -2.87 25.13 13.93
C ASN B 235 -3.48 25.19 15.33
N VAL B 236 -4.10 24.09 15.76
CA VAL B 236 -4.67 24.03 17.10
C VAL B 236 -3.62 23.56 18.10
N VAL B 237 -2.50 23.06 17.59
CA VAL B 237 -1.40 22.58 18.42
C VAL B 237 -0.09 22.63 17.64
N PRO B 238 0.95 23.24 18.24
CA PRO B 238 2.25 23.29 17.57
C PRO B 238 2.88 21.90 17.48
N LEU B 239 3.50 21.61 16.34
CA LEU B 239 4.22 20.34 16.16
C LEU B 239 5.71 20.58 16.36
N SER B 240 6.43 19.53 16.73
CA SER B 240 7.87 19.67 16.91
C SER B 240 8.54 19.88 15.57
N ASP B 241 9.78 20.38 15.60
CA ASP B 241 10.54 20.56 14.39
C ASP B 241 10.75 19.21 13.71
N LEU B 242 11.02 18.17 14.49
CA LEU B 242 11.22 16.84 13.93
C LEU B 242 9.96 16.30 13.25
N LEU B 243 8.81 16.40 13.92
CA LEU B 243 7.58 15.91 13.35
C LEU B 243 7.23 16.71 12.08
N LEU B 244 7.49 18.01 12.11
CA LEU B 244 7.21 18.87 10.96
C LEU B 244 8.08 18.49 9.76
N GLU B 245 9.33 18.14 10.02
CA GLU B 245 10.24 17.78 8.93
C GLU B 245 9.90 16.41 8.34
N MET B 246 9.42 15.50 9.17
CA MET B 246 8.97 14.18 8.69
C MET B 246 7.71 14.34 7.84
N LEU B 247 6.82 15.25 8.25
CA LEU B 247 5.61 15.54 7.49
C LEU B 247 5.94 16.27 6.19
N ASP B 248 6.84 17.25 6.26
CA ASP B 248 7.20 18.04 5.08
C ASP B 248 7.82 17.19 3.98
N ALA B 249 8.49 16.10 4.37
CA ALA B 249 9.11 15.20 3.40
C ALA B 249 8.10 14.59 2.43
N HIS B 250 6.83 14.56 2.84
CA HIS B 250 5.79 14.00 2.00
C HIS B 250 5.12 15.06 1.11
N ARG B 251 5.78 16.21 1.02
CA ARG B 251 5.36 17.29 0.12
C ARG B 251 3.86 17.49 0.11
N LYS C 3 -26.26 6.40 -8.82
CA LYS C 3 -24.89 6.73 -9.18
C LYS C 3 -24.42 5.91 -10.39
N ILE C 4 -23.57 6.52 -11.22
CA ILE C 4 -23.17 5.93 -12.49
C ILE C 4 -22.59 4.52 -12.34
N LEU C 5 -21.60 4.38 -11.47
CA LEU C 5 -20.97 3.08 -11.22
C LEU C 5 -22.02 2.01 -10.87
N HIS C 6 -22.92 2.37 -9.98
CA HIS C 6 -24.02 1.49 -9.59
C HIS C 6 -24.81 1.04 -10.82
N ARG C 7 -25.11 2.00 -11.68
CA ARG C 7 -25.87 1.74 -12.90
C ARG C 7 -25.14 0.79 -13.84
N LEU C 8 -23.85 1.06 -14.05
CA LEU C 8 -23.05 0.26 -14.97
C LEU C 8 -22.85 -1.17 -14.46
N LEU C 9 -22.75 -1.32 -13.15
CA LEU C 9 -22.60 -2.64 -12.54
C LEU C 9 -23.86 -3.50 -12.71
N GLN C 10 -25.00 -2.85 -12.92
CA GLN C 10 -26.27 -3.54 -13.08
C GLN C 10 -26.62 -3.80 -14.55
N GLU C 11 -26.41 -2.79 -15.40
CA GLU C 11 -26.75 -2.89 -16.81
C GLU C 11 -26.23 -4.18 -17.43
N HIS D 2 20.54 19.82 6.78
CA HIS D 2 20.11 20.63 7.91
C HIS D 2 19.03 19.90 8.72
N LYS D 3 18.55 18.79 8.16
CA LYS D 3 17.49 18.02 8.79
C LYS D 3 17.87 17.51 10.17
N ILE D 4 16.91 17.53 11.09
CA ILE D 4 17.09 16.93 12.39
C ILE D 4 17.33 15.43 12.24
N LEU D 5 16.67 14.84 11.24
CA LEU D 5 16.83 13.43 10.93
C LEU D 5 18.27 13.11 10.56
N HIS D 6 18.88 13.99 9.78
CA HIS D 6 20.28 13.80 9.37
C HIS D 6 21.19 13.73 10.58
N ARG D 7 20.88 14.53 11.60
CA ARG D 7 21.68 14.57 12.82
C ARG D 7 21.41 13.35 13.70
N LEU D 8 20.14 13.04 13.92
CA LEU D 8 19.76 11.92 14.78
C LEU D 8 20.28 10.58 14.26
N LEU D 9 20.38 10.46 12.94
CA LEU D 9 20.89 9.24 12.33
C LEU D 9 22.39 9.06 12.58
N GLN D 10 23.08 10.17 12.83
CA GLN D 10 24.52 10.14 13.05
C GLN D 10 24.89 10.09 14.53
N GLU D 11 23.94 10.45 15.39
CA GLU D 11 24.19 10.56 16.82
C GLU D 11 24.19 9.18 17.48
#